data_4UF3
#
_entry.id   4UF3
#
_cell.length_a   94.389
_cell.length_b   94.389
_cell.length_c   45.541
_cell.angle_alpha   90.00
_cell.angle_beta   90.00
_cell.angle_gamma   90.00
#
_symmetry.space_group_name_H-M   'P 41 21 2'
#
loop_
_entity.id
_entity.type
_entity.pdbx_description
1 polymer 'Antiapoptotic membrane protein'
2 polymer 'Bcl-2-like protein 11'
3 water water
#
loop_
_entity_poly.entity_id
_entity_poly.type
_entity_poly.pdbx_seq_one_letter_code
_entity_poly.pdbx_strand_id
1 'polypeptide(L)'
;MGSSHHHHHHSQDMEAAIEFDEIVKKLLNIYINDICTTGEKRLLNNYEKSILDRIYKSCEYIKKNYELDFNSMYNQININ
DITTSDIKSKIIEALLIDSRPSVKLATLSFISLIAEKWGEKNRAKIMEILSNEIVEKISNNGKDFIDFIDRDDDDIVDDY
VLITNYLK
;
A
2 'polypeptide(L)' DMRPEIWIAQELRRIGDEFNAYYARR B
#
# COMPACT_ATOMS: atom_id res chain seq x y z
N ALA A 16 26.51 -20.71 -26.09
CA ALA A 16 27.19 -19.76 -25.20
C ALA A 16 26.70 -19.91 -23.77
N ALA A 17 27.29 -19.13 -22.86
CA ALA A 17 26.88 -19.13 -21.46
C ALA A 17 25.78 -18.10 -21.25
N ILE A 18 24.54 -18.57 -21.19
CA ILE A 18 23.38 -17.69 -21.09
C ILE A 18 22.64 -17.84 -19.76
N GLU A 19 23.10 -18.75 -18.91
CA GLU A 19 22.34 -19.14 -17.72
C GLU A 19 22.29 -18.08 -16.63
N PHE A 20 22.85 -16.91 -16.90
CA PHE A 20 22.83 -15.81 -15.93
C PHE A 20 22.17 -14.56 -16.52
N ASP A 21 21.62 -14.70 -17.72
CA ASP A 21 21.02 -13.56 -18.42
C ASP A 21 19.78 -13.03 -17.72
N GLU A 22 18.97 -13.93 -17.18
CA GLU A 22 17.73 -13.54 -16.52
C GLU A 22 17.98 -12.94 -15.14
N ILE A 23 19.05 -13.40 -14.49
CA ILE A 23 19.46 -12.85 -13.21
C ILE A 23 19.87 -11.38 -13.34
N VAL A 24 20.62 -11.08 -14.40
CA VAL A 24 21.05 -9.71 -14.66
C VAL A 24 19.86 -8.81 -14.98
N LYS A 25 18.93 -9.33 -15.78
CA LYS A 25 17.71 -8.58 -16.11
C LYS A 25 16.95 -8.18 -14.86
N LYS A 26 16.69 -9.17 -14.00
CA LYS A 26 15.94 -8.96 -12.78
C LYS A 26 16.62 -7.98 -11.84
N LEU A 27 17.94 -8.12 -11.68
CA LEU A 27 18.68 -7.30 -10.73
C LEU A 27 18.83 -5.85 -11.22
N LEU A 28 18.89 -5.67 -12.54
CA LEU A 28 18.99 -4.33 -13.11
C LEU A 28 17.71 -3.54 -12.88
N ASN A 29 16.58 -4.15 -13.21
CA ASN A 29 15.27 -3.53 -13.01
C ASN A 29 15.02 -3.15 -11.56
N ILE A 30 15.41 -4.04 -10.65
CA ILE A 30 15.35 -3.73 -9.24
C ILE A 30 16.28 -2.56 -8.91
N TYR A 31 17.50 -2.63 -9.42
CA TYR A 31 18.51 -1.62 -9.11
C TYR A 31 18.06 -0.21 -9.49
N ILE A 32 17.72 -0.02 -10.76
CA ILE A 32 17.36 1.29 -11.28
C ILE A 32 16.06 1.82 -10.67
N ASN A 33 15.11 0.92 -10.41
CA ASN A 33 13.90 1.31 -9.71
C ASN A 33 14.19 1.86 -8.32
N ASP A 34 15.19 1.29 -7.66
CA ASP A 34 15.57 1.75 -6.33
C ASP A 34 16.29 3.11 -6.42
N ILE A 35 16.94 3.33 -7.56
CA ILE A 35 17.67 4.56 -7.80
C ILE A 35 16.73 5.72 -8.13
N CYS A 36 15.66 5.42 -8.85
CA CYS A 36 14.62 6.43 -9.14
C CYS A 36 14.00 6.90 -7.83
N THR A 37 13.61 5.93 -7.01
CA THR A 37 13.04 6.19 -5.69
C THR A 37 13.94 7.09 -4.85
N THR A 38 15.24 6.85 -4.91
CA THR A 38 16.20 7.66 -4.16
C THR A 38 16.29 9.06 -4.74
N GLY A 39 16.22 9.15 -6.07
CA GLY A 39 16.24 10.44 -6.74
C GLY A 39 15.02 11.26 -6.38
N GLU A 40 13.88 10.58 -6.23
CA GLU A 40 12.63 11.25 -5.90
C GLU A 40 12.60 11.71 -4.44
N LYS A 41 13.11 10.87 -3.54
CA LYS A 41 13.19 11.23 -2.13
C LYS A 41 14.11 12.42 -1.89
N ARG A 42 15.16 12.50 -2.70
CA ARG A 42 16.16 13.55 -2.55
C ARG A 42 15.59 14.92 -2.91
N LEU A 43 14.60 14.94 -3.81
CA LEU A 43 13.99 16.20 -4.24
C LEU A 43 12.79 16.59 -3.39
N LEU A 44 12.61 15.91 -2.26
CA LEU A 44 11.61 16.32 -1.29
C LEU A 44 12.23 17.31 -0.31
N ASN A 45 11.44 18.29 0.14
CA ASN A 45 11.90 19.13 1.24
C ASN A 45 11.73 18.38 2.56
N ASN A 46 12.28 18.93 3.64
CA ASN A 46 12.29 18.24 4.92
C ASN A 46 10.88 17.94 5.45
N TYR A 47 9.92 18.82 5.15
CA TYR A 47 8.54 18.59 5.56
C TYR A 47 7.99 17.36 4.86
N GLU A 48 8.21 17.25 3.55
CA GLU A 48 7.77 16.10 2.79
C GLU A 48 8.43 14.82 3.29
N LYS A 49 9.71 14.91 3.66
CA LYS A 49 10.44 13.77 4.17
C LYS A 49 9.88 13.32 5.52
N SER A 50 9.51 14.27 6.36
CA SER A 50 8.97 13.96 7.68
C SER A 50 7.61 13.33 7.57
N ILE A 51 6.84 13.72 6.55
CA ILE A 51 5.53 13.13 6.31
C ILE A 51 5.70 11.71 5.77
N LEU A 52 6.61 11.55 4.82
CA LEU A 52 6.87 10.24 4.22
C LEU A 52 7.37 9.28 5.28
N ASP A 53 8.18 9.78 6.20
CA ASP A 53 8.71 8.97 7.29
C ASP A 53 7.59 8.49 8.20
N ARG A 54 6.59 9.34 8.39
CA ARG A 54 5.46 9.02 9.24
C ARG A 54 4.57 7.95 8.60
N ILE A 55 4.53 7.95 7.27
CA ILE A 55 3.73 6.98 6.53
C ILE A 55 4.35 5.59 6.58
N TYR A 56 5.67 5.53 6.43
CA TYR A 56 6.42 4.28 6.60
C TYR A 56 6.12 3.64 7.94
N LYS A 57 6.29 4.42 9.00
CA LYS A 57 6.21 3.92 10.37
C LYS A 57 4.79 3.56 10.80
N SER A 58 3.81 4.33 10.32
CA SER A 58 2.41 4.06 10.61
C SER A 58 1.98 2.73 10.01
N CYS A 59 2.30 2.56 8.73
CA CYS A 59 1.91 1.35 8.00
C CYS A 59 2.63 0.12 8.53
N GLU A 60 3.88 0.28 8.94
CA GLU A 60 4.65 -0.81 9.53
C GLU A 60 4.06 -1.23 10.87
N TYR A 61 3.59 -0.25 11.64
CA TYR A 61 2.94 -0.54 12.91
C TYR A 61 1.68 -1.35 12.66
N ILE A 62 0.84 -0.87 11.74
CA ILE A 62 -0.43 -1.52 11.43
C ILE A 62 -0.20 -2.92 10.86
N LYS A 63 0.76 -3.03 9.93
CA LYS A 63 1.09 -4.33 9.35
C LYS A 63 1.61 -5.32 10.39
N LYS A 64 2.26 -4.81 11.42
CA LYS A 64 2.84 -5.68 12.44
C LYS A 64 1.80 -6.14 13.46
N ASN A 65 0.98 -5.22 13.93
CA ASN A 65 -0.03 -5.51 14.94
C ASN A 65 -1.27 -6.19 14.37
N TYR A 66 -1.43 -6.10 13.05
CA TYR A 66 -2.55 -6.74 12.38
C TYR A 66 -2.02 -7.72 11.33
N GLU A 67 -0.97 -8.43 11.73
CA GLU A 67 -0.29 -9.39 10.87
C GLU A 67 -1.22 -10.53 10.46
N LEU A 68 -1.90 -11.12 11.44
CA LEU A 68 -2.84 -12.20 11.18
C LEU A 68 -4.06 -11.75 10.39
N ASP A 69 -4.60 -10.60 10.78
CA ASP A 69 -5.80 -10.06 10.16
C ASP A 69 -5.58 -9.78 8.68
N PHE A 70 -4.39 -9.30 8.35
CA PHE A 70 -4.04 -8.98 6.98
C PHE A 70 -3.83 -10.24 6.14
N ASN A 71 -3.26 -11.28 6.75
CA ASN A 71 -3.02 -12.54 6.06
C ASN A 71 -4.31 -13.17 5.57
N SER A 72 -5.35 -13.06 6.39
CA SER A 72 -6.67 -13.61 6.06
C SER A 72 -7.35 -12.77 4.99
N MET A 73 -7.03 -11.48 4.95
CA MET A 73 -7.56 -10.59 3.92
C MET A 73 -6.77 -10.76 2.63
N TYR A 74 -5.49 -11.08 2.77
CA TYR A 74 -4.61 -11.27 1.62
C TYR A 74 -4.95 -12.55 0.87
N ASN A 75 -5.46 -13.55 1.58
CA ASN A 75 -5.80 -14.82 0.96
C ASN A 75 -7.02 -14.71 0.04
N GLN A 76 -7.98 -13.88 0.45
CA GLN A 76 -9.16 -13.67 -0.35
C GLN A 76 -8.81 -12.94 -1.65
N ILE A 77 -7.77 -12.11 -1.60
CA ILE A 77 -7.38 -11.31 -2.75
C ILE A 77 -6.35 -12.01 -3.63
N ASN A 78 -5.76 -13.09 -3.11
CA ASN A 78 -4.61 -13.72 -3.77
C ASN A 78 -4.99 -14.75 -4.85
N ILE A 79 -6.18 -15.33 -4.73
CA ILE A 79 -6.57 -16.43 -5.62
C ILE A 79 -6.64 -15.98 -7.08
N ASN A 80 -6.61 -16.94 -8.00
CA ASN A 80 -6.43 -16.68 -9.42
C ASN A 80 -7.69 -16.20 -10.15
N ASP A 81 -8.80 -16.11 -9.44
CA ASP A 81 -10.09 -15.79 -10.06
C ASP A 81 -10.24 -14.30 -10.36
N ILE A 82 -9.69 -13.47 -9.49
CA ILE A 82 -9.96 -12.03 -9.50
C ILE A 82 -9.39 -11.29 -10.71
N THR A 83 -10.18 -10.37 -11.25
CA THR A 83 -9.68 -9.42 -12.24
C THR A 83 -9.04 -8.26 -11.49
N THR A 84 -8.33 -7.39 -12.22
CA THR A 84 -7.63 -6.28 -11.61
C THR A 84 -8.59 -5.28 -10.96
N SER A 85 -9.71 -5.00 -11.62
CA SER A 85 -10.70 -4.09 -11.07
C SER A 85 -11.37 -4.69 -9.83
N ASP A 86 -11.46 -6.02 -9.81
CA ASP A 86 -12.11 -6.73 -8.72
C ASP A 86 -11.32 -6.60 -7.41
N ILE A 87 -10.00 -6.52 -7.53
CA ILE A 87 -9.16 -6.27 -6.37
C ILE A 87 -9.36 -4.85 -5.88
N LYS A 88 -9.34 -3.91 -6.81
CA LYS A 88 -9.53 -2.50 -6.50
C LYS A 88 -10.90 -2.22 -5.86
N SER A 89 -11.95 -2.77 -6.47
CA SER A 89 -13.31 -2.56 -5.99
C SER A 89 -13.53 -3.13 -4.58
N LYS A 90 -12.72 -4.11 -4.21
CA LYS A 90 -12.78 -4.67 -2.87
C LYS A 90 -12.11 -3.74 -1.87
N ILE A 91 -10.94 -3.24 -2.25
CA ILE A 91 -10.17 -2.33 -1.40
C ILE A 91 -10.84 -0.96 -1.31
N ILE A 92 -11.42 -0.50 -2.42
CA ILE A 92 -12.00 0.83 -2.46
C ILE A 92 -13.36 0.89 -1.78
N GLU A 93 -13.95 -0.28 -1.55
CA GLU A 93 -15.26 -0.38 -0.91
C GLU A 93 -15.24 0.20 0.50
N ALA A 94 -14.14 -0.03 1.22
CA ALA A 94 -13.97 0.52 2.55
C ALA A 94 -13.93 2.05 2.48
N LEU A 95 -13.33 2.57 1.42
CA LEU A 95 -13.16 4.01 1.28
C LEU A 95 -14.40 4.70 0.73
N LEU A 96 -15.26 3.95 0.06
CA LEU A 96 -16.50 4.49 -0.50
C LEU A 96 -17.38 5.09 0.59
N ILE A 97 -17.81 4.26 1.53
CA ILE A 97 -18.69 4.71 2.60
C ILE A 97 -17.89 5.35 3.76
N ASP A 98 -16.70 4.84 4.00
CA ASP A 98 -15.88 5.30 5.12
C ASP A 98 -14.65 6.05 4.63
N SER A 99 -14.68 7.38 4.75
CA SER A 99 -13.61 8.22 4.23
C SER A 99 -12.66 8.72 5.33
N ARG A 100 -12.81 8.17 6.53
CA ARG A 100 -11.95 8.52 7.66
C ARG A 100 -10.48 8.28 7.33
N PRO A 101 -9.58 9.09 7.88
CA PRO A 101 -8.15 8.99 7.54
C PRO A 101 -7.52 7.70 8.06
N SER A 102 -8.04 7.16 9.16
CA SER A 102 -7.54 5.92 9.71
C SER A 102 -7.89 4.75 8.79
N VAL A 103 -9.09 4.81 8.21
CA VAL A 103 -9.52 3.80 7.24
C VAL A 103 -8.64 3.87 6.00
N LYS A 104 -8.23 5.09 5.65
CA LYS A 104 -7.26 5.29 4.57
C LYS A 104 -5.93 4.64 4.92
N LEU A 105 -5.48 4.85 6.15
CA LEU A 105 -4.19 4.34 6.60
C LEU A 105 -4.17 2.83 6.67
N ALA A 106 -5.28 2.24 7.10
CA ALA A 106 -5.40 0.78 7.13
C ALA A 106 -5.40 0.23 5.71
N THR A 107 -6.15 0.90 4.84
CA THR A 107 -6.20 0.55 3.42
C THR A 107 -4.82 0.62 2.79
N LEU A 108 -4.08 1.67 3.10
CA LEU A 108 -2.73 1.85 2.58
C LEU A 108 -1.79 0.78 3.11
N SER A 109 -1.93 0.47 4.39
CA SER A 109 -1.11 -0.57 5.01
C SER A 109 -1.39 -1.93 4.39
N PHE A 110 -2.64 -2.19 4.04
CA PHE A 110 -3.00 -3.45 3.41
C PHE A 110 -2.43 -3.52 2.00
N ILE A 111 -2.55 -2.43 1.27
CA ILE A 111 -1.91 -2.30 -0.04
C ILE A 111 -0.41 -2.48 0.09
N SER A 112 0.15 -1.92 1.16
CA SER A 112 1.58 -2.03 1.44
C SER A 112 1.99 -3.49 1.66
N LEU A 113 1.16 -4.24 2.39
CA LEU A 113 1.42 -5.65 2.65
C LEU A 113 1.36 -6.49 1.38
N ILE A 114 0.40 -6.20 0.51
CA ILE A 114 0.24 -6.92 -0.74
C ILE A 114 1.47 -6.73 -1.62
N ALA A 115 1.98 -5.51 -1.64
CA ALA A 115 3.18 -5.18 -2.39
C ALA A 115 4.38 -5.97 -1.88
N GLU A 116 4.45 -6.14 -0.56
CA GLU A 116 5.55 -6.87 0.07
C GLU A 116 5.58 -8.34 -0.32
N LYS A 117 4.40 -8.90 -0.60
CA LYS A 117 4.30 -10.34 -0.89
C LYS A 117 4.37 -10.64 -2.39
N TRP A 118 4.35 -9.59 -3.21
CA TRP A 118 4.38 -9.78 -4.65
C TRP A 118 5.72 -9.32 -5.24
N GLY A 119 6.81 -9.78 -4.63
CA GLY A 119 8.15 -9.40 -5.03
C GLY A 119 8.71 -10.18 -6.22
N GLU A 120 7.92 -11.13 -6.73
CA GLU A 120 8.32 -11.87 -7.92
C GLU A 120 7.34 -11.61 -9.05
N LYS A 121 6.21 -10.99 -8.71
CA LYS A 121 5.29 -10.50 -9.73
C LYS A 121 5.79 -9.15 -10.24
N ASN A 122 5.15 -8.64 -11.28
CA ASN A 122 5.55 -7.35 -11.84
C ASN A 122 5.14 -6.19 -10.94
N ARG A 123 6.04 -5.21 -10.83
CA ARG A 123 5.77 -4.00 -10.07
C ARG A 123 4.53 -3.28 -10.60
N ALA A 124 4.34 -3.37 -11.91
CA ALA A 124 3.17 -2.78 -12.56
C ALA A 124 1.88 -3.41 -12.05
N LYS A 125 1.91 -4.71 -11.79
CA LYS A 125 0.74 -5.42 -11.27
C LYS A 125 0.30 -4.87 -9.92
N ILE A 126 1.26 -4.41 -9.14
CA ILE A 126 0.97 -3.83 -7.83
C ILE A 126 0.49 -2.39 -7.99
N MET A 127 1.10 -1.66 -8.91
CA MET A 127 0.78 -0.25 -9.11
C MET A 127 -0.59 -0.05 -9.76
N GLU A 128 -1.06 -1.06 -10.49
CA GLU A 128 -2.36 -0.95 -11.14
C GLU A 128 -3.48 -1.21 -10.14
N ILE A 129 -3.11 -1.62 -8.93
CA ILE A 129 -4.06 -1.74 -7.84
C ILE A 129 -4.18 -0.40 -7.12
N LEU A 130 -3.04 0.21 -6.81
CA LEU A 130 -3.01 1.46 -6.05
C LEU A 130 -3.37 2.69 -6.88
N SER A 131 -2.62 2.94 -7.95
CA SER A 131 -2.72 4.18 -8.69
C SER A 131 -4.11 4.44 -9.29
N ASN A 132 -4.27 5.63 -9.85
CA ASN A 132 -5.55 6.11 -10.34
C ASN A 132 -6.57 6.23 -9.22
N GLU A 133 -7.69 5.52 -9.34
CA GLU A 133 -8.83 5.69 -8.43
C GLU A 133 -8.52 5.62 -6.93
N ILE A 134 -7.79 4.59 -6.50
CA ILE A 134 -7.57 4.35 -5.07
C ILE A 134 -6.75 5.47 -4.42
N VAL A 135 -5.68 5.90 -5.08
CA VAL A 135 -4.82 6.94 -4.52
C VAL A 135 -5.52 8.30 -4.55
N GLU A 136 -6.43 8.48 -5.49
CA GLU A 136 -7.23 9.70 -5.57
C GLU A 136 -8.13 9.83 -4.33
N LYS A 137 -8.72 8.71 -3.94
CA LYS A 137 -9.67 8.69 -2.82
C LYS A 137 -8.97 8.85 -1.47
N ILE A 138 -7.70 8.44 -1.41
CA ILE A 138 -6.89 8.67 -0.21
C ILE A 138 -6.44 10.13 -0.17
N SER A 139 -6.05 10.65 -1.32
CA SER A 139 -5.57 12.02 -1.40
C SER A 139 -6.67 13.05 -1.19
N ASN A 140 -7.92 12.65 -1.39
CA ASN A 140 -9.07 13.49 -1.09
C ASN A 140 -9.01 13.96 0.36
N ASN A 141 -9.11 15.27 0.56
CA ASN A 141 -8.92 15.87 1.88
C ASN A 141 -7.61 15.41 2.48
N GLY A 142 -6.52 15.66 1.75
CA GLY A 142 -5.20 15.19 2.16
C GLY A 142 -4.72 15.86 3.43
N LYS A 143 -5.16 17.09 3.64
CA LYS A 143 -4.79 17.86 4.82
C LYS A 143 -5.22 17.14 6.10
N ASP A 144 -6.44 16.63 6.11
CA ASP A 144 -6.95 15.88 7.24
C ASP A 144 -6.19 14.57 7.42
N PHE A 145 -5.75 13.99 6.31
CA PHE A 145 -4.97 12.75 6.36
C PHE A 145 -3.59 13.01 6.94
N ILE A 146 -2.97 14.10 6.50
CA ILE A 146 -1.63 14.45 6.97
C ILE A 146 -1.64 14.80 8.45
N ASP A 147 -2.68 15.52 8.88
CA ASP A 147 -2.80 15.93 10.28
C ASP A 147 -3.08 14.75 11.20
N PHE A 148 -3.81 13.75 10.70
CA PHE A 148 -4.07 12.54 11.46
C PHE A 148 -2.77 11.77 11.67
N ILE A 149 -1.92 11.82 10.65
CA ILE A 149 -0.68 11.07 10.64
C ILE A 149 0.41 11.77 11.46
N ASP A 150 0.43 13.10 11.39
CA ASP A 150 1.52 13.85 11.99
C ASP A 150 1.30 14.17 13.47
N ARG A 151 0.39 13.43 14.10
CA ARG A 151 0.18 13.53 15.54
C ARG A 151 -0.67 12.36 16.04
N ILE B 6 -18.17 -7.03 0.18
CA ILE B 6 -17.78 -6.02 1.16
C ILE B 6 -17.19 -6.65 2.40
N TRP B 7 -16.53 -7.80 2.23
CA TRP B 7 -15.94 -8.50 3.35
C TRP B 7 -14.59 -7.91 3.73
N ILE B 8 -13.78 -7.59 2.71
CA ILE B 8 -12.49 -6.94 2.93
C ILE B 8 -12.71 -5.54 3.49
N ALA B 9 -13.72 -4.86 2.95
CA ALA B 9 -14.07 -3.52 3.38
C ALA B 9 -14.51 -3.51 4.84
N GLN B 10 -15.24 -4.54 5.23
CA GLN B 10 -15.79 -4.66 6.58
C GLN B 10 -14.69 -4.79 7.64
N GLU B 11 -13.51 -5.22 7.20
CA GLU B 11 -12.39 -5.41 8.11
C GLU B 11 -11.44 -4.21 8.13
N LEU B 12 -11.35 -3.51 7.00
CA LEU B 12 -10.50 -2.33 6.91
C LEU B 12 -10.99 -1.23 7.82
N ARG B 13 -12.32 -1.09 7.93
CA ARG B 13 -12.92 -0.13 8.84
C ARG B 13 -12.73 -0.60 10.28
N ARG B 14 -12.82 -1.90 10.48
CA ARG B 14 -12.62 -2.51 11.80
C ARG B 14 -11.23 -2.18 12.32
N ILE B 15 -10.23 -2.40 11.48
CA ILE B 15 -8.86 -2.03 11.80
C ILE B 15 -8.75 -0.52 11.95
N GLY B 16 -9.49 0.20 11.10
CA GLY B 16 -9.53 1.64 11.16
C GLY B 16 -10.04 2.16 12.49
N ASP B 17 -11.14 1.58 12.95
CA ASP B 17 -11.72 1.94 14.24
C ASP B 17 -10.74 1.67 15.39
N GLU B 18 -10.16 0.48 15.39
CA GLU B 18 -9.25 0.07 16.45
C GLU B 18 -7.98 0.92 16.50
N PHE B 19 -7.53 1.38 15.33
CA PHE B 19 -6.35 2.23 15.27
C PHE B 19 -6.69 3.68 15.54
N ASN B 20 -7.90 4.08 15.15
CA ASN B 20 -8.41 5.42 15.43
C ASN B 20 -8.37 5.71 16.93
N ALA B 21 -8.79 4.72 17.72
CA ALA B 21 -8.79 4.86 19.16
C ALA B 21 -7.36 4.95 19.70
N TYR B 22 -6.46 4.22 19.08
CA TYR B 22 -5.06 4.16 19.52
C TYR B 22 -4.36 5.51 19.46
N TYR B 23 -4.29 6.08 18.26
CA TYR B 23 -3.56 7.31 18.01
C TYR B 23 -4.12 8.49 18.81
#